data_4CG2
#
_entry.id   4CG2
#
_cell.length_a   116.591
_cell.length_b   116.591
_cell.length_c   35.581
_cell.angle_alpha   90.00
_cell.angle_beta   90.00
_cell.angle_gamma   90.00
#
_symmetry.space_group_name_H-M   'I 41'
#
loop_
_entity.id
_entity.type
_entity.pdbx_description
1 polymer CUTINASE
2 non-polymer 'phenylmethanesulfonic acid'
3 non-polymer 'SULFATE ION'
4 water water
#
_entity_poly.entity_id   1
_entity_poly.type   'polypeptide(L)'
_entity_poly.pdbx_seq_one_letter_code
;ANPYERGPNPTDALLEARSGPFSVSEENVSRLSASGFGGGTIYYPRENNTYGAVAISPGYTGTEASIAWLGERIASHGFV
VITIDTITTLDQPDSRAEQLNAALNHMINRASSTVRSRIDSSRLAVMGHSMGGGGSLRLASQRPDLKAAIPLTPWHLNKN
WSSVTVPTLIIGADLDTIAPVATHAKPFYNSLPSSISKAYLELDGATHFAPNIPNKIIGKYSVAWLKRFVDNDTRYTQFL
CPGPRDGLFGEVEEYRSTCPFYPNSSSVDKLAAALEHHHHHH
;
_entity_poly.pdbx_strand_id   A
#
# COMPACT_ATOMS: atom_id res chain seq x y z
N ALA A 1 -6.76 23.94 9.97
CA ALA A 1 -5.66 22.94 10.08
C ALA A 1 -6.20 21.55 9.77
N ASN A 2 -5.34 20.73 9.20
CA ASN A 2 -5.66 19.35 8.93
C ASN A 2 -5.36 18.50 10.16
N PRO A 3 -6.41 17.97 10.81
CA PRO A 3 -6.21 17.26 12.07
C PRO A 3 -5.43 15.96 11.92
N TYR A 4 -5.25 15.51 10.69
CA TYR A 4 -4.63 14.20 10.44
C TYR A 4 -3.13 14.28 10.12
N GLU A 5 -2.58 15.49 10.01
CA GLU A 5 -1.15 15.63 9.78
C GLU A 5 -0.36 15.00 10.92
N ARG A 6 0.65 14.22 10.57
CA ARG A 6 1.54 13.63 11.54
C ARG A 6 2.98 13.79 11.05
N GLY A 7 3.91 13.89 11.99
CA GLY A 7 5.31 13.92 11.63
C GLY A 7 5.81 15.26 11.20
N PRO A 8 7.14 15.36 11.12
CA PRO A 8 7.74 16.62 10.68
C PRO A 8 7.50 16.90 9.21
N ASN A 9 7.72 18.14 8.80
CA ASN A 9 7.58 18.47 7.39
C ASN A 9 8.54 17.61 6.55
N PRO A 10 8.03 17.05 5.45
CA PRO A 10 8.82 16.11 4.67
C PRO A 10 9.82 16.75 3.71
N THR A 11 10.85 15.98 3.38
CA THR A 11 11.76 16.31 2.30
C THR A 11 12.04 15.01 1.54
N ASP A 12 12.62 15.14 0.36
CA ASP A 12 12.97 13.97 -0.43
C ASP A 12 13.89 13.05 0.37
N ALA A 13 14.90 13.62 1.03
CA ALA A 13 15.82 12.84 1.83
C ALA A 13 15.10 12.07 2.93
N LEU A 14 14.16 12.72 3.61
CA LEU A 14 13.49 12.09 4.73
C LEU A 14 12.67 10.90 4.21
N LEU A 15 12.13 11.02 3.01
CA LEU A 15 11.31 9.95 2.43
C LEU A 15 12.12 8.82 1.80
N GLU A 16 13.37 9.09 1.44
CA GLU A 16 14.22 8.09 0.83
C GLU A 16 15.01 7.26 1.83
N ALA A 17 15.13 7.77 3.05
CA ALA A 17 15.89 7.09 4.09
C ALA A 17 15.30 5.74 4.43
N ARG A 18 16.13 4.85 4.96
CA ARG A 18 15.66 3.51 5.32
C ARG A 18 14.54 3.54 6.36
N SER A 19 14.58 4.52 7.26
CA SER A 19 13.52 4.65 8.25
CA SER A 19 13.55 4.65 8.27
C SER A 19 13.00 6.07 8.35
N GLY A 20 11.70 6.18 8.56
CA GLY A 20 11.08 7.45 8.82
C GLY A 20 11.29 7.86 10.26
N PRO A 21 10.67 8.97 10.64
CA PRO A 21 10.93 9.61 11.94
C PRO A 21 10.17 9.02 13.12
N PHE A 22 9.28 8.04 12.91
CA PHE A 22 8.54 7.41 13.99
C PHE A 22 9.22 6.14 14.43
N SER A 23 9.47 6.03 15.73
CA SER A 23 9.89 4.76 16.30
CA SER A 23 9.88 4.78 16.32
C SER A 23 8.71 3.81 16.22
N VAL A 24 8.99 2.54 15.91
CA VAL A 24 7.98 1.54 15.61
C VAL A 24 8.07 0.35 16.53
N SER A 25 6.91 -0.13 16.94
CA SER A 25 6.79 -1.40 17.65
CA SER A 25 6.78 -1.40 17.65
C SER A 25 5.97 -2.38 16.82
N GLU A 26 6.00 -3.65 17.23
CA GLU A 26 5.32 -4.73 16.53
C GLU A 26 4.40 -5.54 17.43
N GLU A 27 3.29 -5.99 16.86
CA GLU A 27 2.41 -6.97 17.49
C GLU A 27 2.18 -8.13 16.52
N ASN A 28 2.51 -9.34 16.94
CA ASN A 28 2.28 -10.51 16.11
C ASN A 28 0.79 -10.88 16.10
N VAL A 29 0.34 -11.32 14.94
CA VAL A 29 -0.98 -11.91 14.83
C VAL A 29 -0.82 -13.35 14.42
N SER A 30 -1.11 -14.27 15.34
CA SER A 30 -0.97 -15.68 15.03
C SER A 30 -2.07 -16.10 14.06
N ARG A 31 -1.85 -17.22 13.41
CA ARG A 31 -2.88 -17.79 12.56
C ARG A 31 -4.15 -18.12 13.35
N LEU A 32 -3.98 -18.54 14.59
CA LEU A 32 -5.09 -18.79 15.48
C LEU A 32 -5.93 -17.52 15.66
N SER A 33 -5.26 -16.40 15.90
CA SER A 33 -5.97 -15.16 16.19
CA SER A 33 -5.94 -15.15 16.20
C SER A 33 -6.67 -14.60 14.97
N ALA A 34 -6.04 -14.77 13.82
CA ALA A 34 -6.58 -14.23 12.59
C ALA A 34 -7.81 -15.01 12.16
N SER A 35 -8.86 -14.26 11.82
CA SER A 35 -10.06 -14.81 11.28
C SER A 35 -10.18 -14.34 9.84
N GLY A 36 -10.07 -15.26 8.90
CA GLY A 36 -10.19 -14.92 7.49
C GLY A 36 -8.89 -14.52 6.81
N PHE A 37 -7.76 -14.71 7.48
CA PHE A 37 -6.45 -14.57 6.86
C PHE A 37 -5.47 -15.40 7.66
N GLY A 38 -4.19 -15.41 7.26
CA GLY A 38 -3.22 -16.34 7.82
C GLY A 38 -2.34 -15.85 8.94
N GLY A 39 -2.72 -14.73 9.54
CA GLY A 39 -1.91 -14.07 10.55
C GLY A 39 -1.06 -12.98 9.95
N GLY A 40 -0.13 -12.45 10.72
CA GLY A 40 0.77 -11.44 10.19
C GLY A 40 1.48 -10.71 11.30
N THR A 41 1.96 -9.52 10.99
CA THR A 41 2.65 -8.65 11.93
C THR A 41 2.08 -7.27 11.78
N ILE A 42 1.65 -6.67 12.89
CA ILE A 42 1.22 -5.28 12.89
C ILE A 42 2.36 -4.40 13.37
N TYR A 43 2.78 -3.47 12.52
CA TYR A 43 3.78 -2.45 12.85
C TYR A 43 3.03 -1.19 13.19
N TYR A 44 3.41 -0.50 14.25
CA TYR A 44 2.71 0.73 14.61
C TYR A 44 3.64 1.71 15.31
N PRO A 45 3.30 3.00 15.25
CA PRO A 45 4.14 3.99 15.94
C PRO A 45 4.08 3.86 17.45
N ARG A 46 5.23 3.92 18.11
CA ARG A 46 5.31 3.96 19.57
C ARG A 46 4.58 5.18 20.13
N GLU A 47 4.72 6.32 19.45
CA GLU A 47 4.10 7.55 19.91
C GLU A 47 2.58 7.43 19.77
N ASN A 48 1.87 7.58 20.88
CA ASN A 48 0.42 7.47 20.86
C ASN A 48 -0.22 8.59 20.06
N ASN A 49 -1.15 8.20 19.22
CA ASN A 49 -1.93 9.13 18.44
C ASN A 49 -2.90 8.25 17.70
N THR A 50 -3.78 8.84 16.92
CA THR A 50 -4.56 8.07 15.96
C THR A 50 -3.92 8.23 14.59
N TYR A 51 -3.86 7.14 13.86
CA TYR A 51 -3.21 7.10 12.56
C TYR A 51 -4.11 6.34 11.61
N GLY A 52 -3.92 6.54 10.32
CA GLY A 52 -4.51 5.67 9.33
C GLY A 52 -3.94 4.25 9.43
N ALA A 53 -4.70 3.26 8.95
CA ALA A 53 -4.28 1.87 9.00
C ALA A 53 -4.21 1.29 7.60
N VAL A 54 -3.23 0.43 7.37
CA VAL A 54 -2.92 -0.11 6.05
C VAL A 54 -2.73 -1.62 6.16
N ALA A 55 -3.32 -2.37 5.23
CA ALA A 55 -3.11 -3.81 5.16
C ALA A 55 -2.39 -4.12 3.88
N ILE A 56 -1.36 -4.95 3.96
CA ILE A 56 -0.55 -5.32 2.82
C ILE A 56 -0.51 -6.84 2.65
N SER A 57 -0.78 -7.28 1.42
CA SER A 57 -0.77 -8.70 1.07
C SER A 57 0.45 -9.04 0.24
N PRO A 58 1.04 -10.20 0.50
CA PRO A 58 2.07 -10.70 -0.40
C PRO A 58 1.44 -11.29 -1.64
N GLY A 59 2.29 -11.83 -2.51
CA GLY A 59 1.84 -12.42 -3.75
C GLY A 59 1.85 -13.94 -3.70
N TYR A 60 1.50 -14.56 -4.83
CA TYR A 60 1.52 -16.02 -4.99
C TYR A 60 2.86 -16.62 -4.56
N THR A 61 2.79 -17.63 -3.69
CA THR A 61 3.93 -18.28 -3.03
C THR A 61 4.62 -17.46 -1.95
N GLY A 62 4.17 -16.22 -1.77
CA GLY A 62 4.83 -15.33 -0.84
C GLY A 62 4.32 -15.38 0.59
N THR A 63 5.18 -15.02 1.52
CA THR A 63 4.80 -14.90 2.92
C THR A 63 5.01 -13.48 3.39
N GLU A 64 4.64 -13.18 4.64
CA GLU A 64 4.78 -11.83 5.13
C GLU A 64 6.24 -11.41 5.11
N ALA A 65 7.17 -12.36 5.18
CA ALA A 65 8.58 -11.97 5.14
C ALA A 65 8.94 -11.19 3.87
N SER A 66 8.24 -11.45 2.76
CA SER A 66 8.55 -10.83 1.50
C SER A 66 8.08 -9.37 1.44
N ILE A 67 7.26 -8.96 2.40
CA ILE A 67 6.75 -7.60 2.43
C ILE A 67 7.02 -6.89 3.77
N ALA A 68 7.75 -7.55 4.68
CA ALA A 68 8.05 -6.99 6.00
C ALA A 68 8.70 -5.63 5.93
N TRP A 69 9.65 -5.47 5.02
CA TRP A 69 10.40 -4.23 4.97
C TRP A 69 9.46 -3.04 4.73
N LEU A 70 8.40 -3.29 3.97
CA LEU A 70 7.49 -2.23 3.58
C LEU A 70 6.59 -1.89 4.75
N GLY A 71 6.17 -2.92 5.48
CA GLY A 71 5.36 -2.69 6.67
C GLY A 71 6.09 -1.83 7.67
N GLU A 72 7.33 -2.20 7.98
CA GLU A 72 8.11 -1.43 8.91
C GLU A 72 8.38 -0.01 8.40
N ARG A 73 8.75 0.11 7.13
CA ARG A 73 9.08 1.42 6.61
C ARG A 73 7.89 2.37 6.61
N ILE A 74 6.75 1.89 6.15
CA ILE A 74 5.57 2.73 6.14
C ILE A 74 5.12 3.12 7.56
N ALA A 75 5.13 2.15 8.48
CA ALA A 75 4.77 2.45 9.86
C ALA A 75 5.65 3.54 10.43
N SER A 76 6.93 3.54 10.02
CA SER A 76 7.87 4.52 10.55
C SER A 76 7.64 5.94 10.05
N HIS A 77 6.67 6.10 9.14
CA HIS A 77 6.22 7.43 8.75
C HIS A 77 4.86 7.81 9.32
N GLY A 78 4.30 6.98 10.22
CA GLY A 78 3.11 7.36 10.95
C GLY A 78 1.86 6.65 10.48
N PHE A 79 1.91 5.33 10.47
CA PHE A 79 0.77 4.51 10.05
C PHE A 79 0.78 3.22 10.87
N VAL A 80 -0.40 2.65 11.05
CA VAL A 80 -0.52 1.30 11.60
C VAL A 80 -0.63 0.36 10.41
N VAL A 81 0.28 -0.60 10.31
CA VAL A 81 0.40 -1.40 9.10
C VAL A 81 0.49 -2.87 9.43
N ILE A 82 -0.40 -3.67 8.83
CA ILE A 82 -0.30 -5.12 8.98
C ILE A 82 0.18 -5.75 7.68
N THR A 83 1.25 -6.53 7.78
CA THR A 83 1.72 -7.37 6.68
C THR A 83 1.16 -8.76 6.94
N ILE A 84 0.35 -9.25 6.03
CA ILE A 84 -0.31 -10.53 6.31
C ILE A 84 0.37 -11.74 5.67
N ASP A 85 0.16 -12.89 6.29
CA ASP A 85 0.21 -14.16 5.58
C ASP A 85 -1.21 -14.46 5.14
N THR A 86 -1.33 -15.11 3.98
CA THR A 86 -2.62 -15.54 3.50
C THR A 86 -2.96 -16.95 4.03
N ILE A 87 -4.20 -17.34 3.88
CA ILE A 87 -4.66 -18.64 4.34
CA ILE A 87 -4.67 -18.65 4.33
C ILE A 87 -3.75 -19.73 3.78
N THR A 88 -3.47 -19.66 2.48
CA THR A 88 -2.41 -20.44 1.86
C THR A 88 -1.62 -19.56 0.91
N THR A 89 -0.39 -19.92 0.64
CA THR A 89 0.43 -19.09 -0.21
C THR A 89 -0.03 -19.15 -1.67
N LEU A 90 -0.93 -20.07 -2.00
CA LEU A 90 -1.42 -20.18 -3.38
C LEU A 90 -2.80 -19.54 -3.61
N ASP A 91 -3.29 -18.76 -2.66
CA ASP A 91 -4.60 -18.13 -2.82
C ASP A 91 -4.58 -17.16 -3.99
N GLN A 92 -5.72 -17.06 -4.67
CA GLN A 92 -5.84 -16.22 -5.86
C GLN A 92 -6.20 -14.78 -5.47
N PRO A 93 -6.16 -13.85 -6.44
CA PRO A 93 -6.35 -12.44 -6.07
C PRO A 93 -7.66 -12.08 -5.38
N ASP A 94 -8.77 -12.65 -5.79
CA ASP A 94 -10.04 -12.24 -5.19
C ASP A 94 -10.16 -12.78 -3.76
N SER A 95 -9.53 -13.91 -3.50
CA SER A 95 -9.42 -14.41 -2.14
C SER A 95 -8.56 -13.45 -1.32
N ARG A 96 -7.44 -12.99 -1.90
CA ARG A 96 -6.58 -12.06 -1.19
C ARG A 96 -7.32 -10.75 -0.87
N ALA A 97 -8.23 -10.30 -1.73
CA ALA A 97 -9.05 -9.15 -1.40
C ALA A 97 -9.82 -9.36 -0.09
N GLU A 98 -10.46 -10.53 0.05
CA GLU A 98 -11.24 -10.81 1.25
C GLU A 98 -10.34 -10.85 2.48
N GLN A 99 -9.11 -11.35 2.29
CA GLN A 99 -8.15 -11.47 3.37
C GLN A 99 -7.63 -10.10 3.80
N LEU A 100 -7.43 -9.20 2.85
CA LEU A 100 -7.08 -7.81 3.17
C LEU A 100 -8.19 -7.17 4.00
N ASN A 101 -9.43 -7.41 3.60
CA ASN A 101 -10.58 -6.88 4.32
C ASN A 101 -10.61 -7.43 5.75
N ALA A 102 -10.37 -8.73 5.90
CA ALA A 102 -10.35 -9.34 7.23
C ALA A 102 -9.21 -8.79 8.07
N ALA A 103 -8.08 -8.45 7.45
CA ALA A 103 -6.93 -7.94 8.17
C ALA A 103 -7.19 -6.51 8.65
N LEU A 104 -7.86 -5.70 7.85
CA LEU A 104 -8.26 -4.37 8.30
C LEU A 104 -9.18 -4.49 9.49
N ASN A 105 -10.15 -5.39 9.41
CA ASN A 105 -11.08 -5.57 10.51
C ASN A 105 -10.36 -6.06 11.75
N HIS A 106 -9.35 -6.90 11.55
CA HIS A 106 -8.60 -7.42 12.68
C HIS A 106 -7.93 -6.27 13.44
N MET A 107 -7.25 -5.39 12.71
CA MET A 107 -6.58 -4.27 13.36
C MET A 107 -7.56 -3.39 14.13
N ILE A 108 -8.69 -3.11 13.51
CA ILE A 108 -9.66 -2.21 14.10
C ILE A 108 -10.37 -2.80 15.32
N ASN A 109 -10.73 -4.08 15.23
CA ASN A 109 -11.67 -4.66 16.20
C ASN A 109 -11.11 -5.77 17.07
N ARG A 110 -10.01 -6.40 16.68
CA ARG A 110 -9.58 -7.63 17.33
C ARG A 110 -8.18 -7.62 17.90
N ALA A 111 -7.36 -6.65 17.51
CA ALA A 111 -6.00 -6.54 18.02
C ALA A 111 -6.04 -6.05 19.46
N SER A 112 -4.86 -5.92 20.07
CA SER A 112 -4.77 -5.39 21.43
C SER A 112 -5.27 -3.94 21.45
N SER A 113 -5.56 -3.44 22.62
CA SER A 113 -5.95 -2.04 22.77
C SER A 113 -4.84 -1.09 22.31
N THR A 114 -3.59 -1.50 22.44
CA THR A 114 -2.47 -0.68 22.02
C THR A 114 -2.57 -0.37 20.53
N VAL A 115 -2.90 -1.39 19.74
CA VAL A 115 -3.08 -1.23 18.31
C VAL A 115 -4.41 -0.53 18.01
N ARG A 116 -5.51 -1.00 18.60
CA ARG A 116 -6.83 -0.49 18.22
C ARG A 116 -6.95 1.00 18.51
N SER A 117 -6.36 1.44 19.62
CA SER A 117 -6.48 2.83 20.03
C SER A 117 -5.64 3.76 19.15
N ARG A 118 -4.70 3.20 18.38
CA ARG A 118 -3.86 4.00 17.50
C ARG A 118 -4.45 4.12 16.09
N ILE A 119 -5.65 3.60 15.87
CA ILE A 119 -6.25 3.62 14.55
C ILE A 119 -7.48 4.51 14.48
N ASP A 120 -7.50 5.38 13.47
CA ASP A 120 -8.70 6.06 13.05
C ASP A 120 -9.36 5.13 12.04
N SER A 121 -10.41 4.42 12.47
CA SER A 121 -10.99 3.39 11.63
C SER A 121 -11.69 3.94 10.38
N SER A 122 -11.78 5.26 10.27
CA SER A 122 -12.36 5.87 9.06
C SER A 122 -11.32 6.16 7.97
N ARG A 123 -10.06 5.83 8.24
CA ARG A 123 -8.96 6.14 7.32
C ARG A 123 -8.08 4.92 7.09
N LEU A 124 -8.45 4.17 6.05
CA LEU A 124 -7.87 2.87 5.78
C LEU A 124 -7.31 2.78 4.39
N ALA A 125 -6.32 1.92 4.20
CA ALA A 125 -5.73 1.71 2.88
C ALA A 125 -5.30 0.27 2.70
N VAL A 126 -5.13 -0.12 1.43
CA VAL A 126 -4.65 -1.45 1.10
C VAL A 126 -3.52 -1.40 0.09
N MET A 127 -2.62 -2.36 0.19
CA MET A 127 -1.52 -2.52 -0.73
C MET A 127 -1.26 -4.00 -0.93
N GLY A 128 -0.56 -4.36 -1.99
CA GLY A 128 -0.17 -5.75 -2.12
C GLY A 128 0.76 -5.94 -3.27
N HIS A 129 1.53 -7.01 -3.18
CA HIS A 129 2.41 -7.45 -4.23
C HIS A 129 1.79 -8.52 -5.12
N SER A 130 1.88 -8.32 -6.43
CA SER A 130 1.47 -9.30 -7.42
CA SER A 130 1.47 -9.34 -7.42
C SER A 130 0.00 -9.68 -7.24
N MET A 131 -0.32 -10.96 -6.95
CA MET A 131 -1.72 -11.28 -6.73
C MET A 131 -2.33 -10.49 -5.56
N GLY A 132 -1.48 -10.10 -4.62
CA GLY A 132 -1.91 -9.22 -3.54
C GLY A 132 -2.25 -7.82 -4.02
N GLY A 133 -1.57 -7.38 -5.07
CA GLY A 133 -1.90 -6.14 -5.76
C GLY A 133 -3.22 -6.26 -6.50
N GLY A 134 -3.43 -7.40 -7.15
CA GLY A 134 -4.74 -7.69 -7.72
C GLY A 134 -5.82 -7.68 -6.66
N GLY A 135 -5.54 -8.28 -5.50
CA GLY A 135 -6.49 -8.24 -4.39
C GLY A 135 -6.78 -6.83 -3.92
N SER A 136 -5.77 -5.96 -3.95
CA SER A 136 -5.95 -4.57 -3.54
CA SER A 136 -5.98 -4.59 -3.51
C SER A 136 -6.91 -3.86 -4.48
N LEU A 137 -6.76 -4.12 -5.78
CA LEU A 137 -7.68 -3.55 -6.76
C LEU A 137 -9.11 -4.04 -6.55
N ARG A 138 -9.25 -5.34 -6.33
CA ARG A 138 -10.58 -5.89 -6.12
C ARG A 138 -11.25 -5.29 -4.88
N LEU A 139 -10.53 -5.24 -3.78
CA LEU A 139 -11.11 -4.67 -2.57
C LEU A 139 -11.42 -3.20 -2.74
N ALA A 140 -10.54 -2.45 -3.40
CA ALA A 140 -10.83 -1.06 -3.71
C ALA A 140 -12.13 -0.89 -4.51
N SER A 141 -12.38 -1.79 -5.45
CA SER A 141 -13.61 -1.77 -6.23
CA SER A 141 -13.61 -1.80 -6.22
C SER A 141 -14.84 -2.01 -5.35
N GLN A 142 -14.67 -2.83 -4.32
CA GLN A 142 -15.76 -3.19 -3.42
C GLN A 142 -15.95 -2.17 -2.30
N ARG A 143 -14.89 -1.42 -1.99
CA ARG A 143 -14.86 -0.56 -0.80
C ARG A 143 -14.46 0.86 -1.15
N PRO A 144 -15.38 1.65 -1.70
CA PRO A 144 -15.09 3.04 -2.04
C PRO A 144 -14.76 3.92 -0.83
N ASP A 145 -14.99 3.39 0.36
CA ASP A 145 -14.60 4.09 1.58
C ASP A 145 -13.10 4.06 1.84
N LEU A 146 -12.36 3.16 1.21
CA LEU A 146 -10.92 3.11 1.44
C LEU A 146 -10.32 4.41 0.96
N LYS A 147 -9.29 4.88 1.66
CA LYS A 147 -8.66 6.14 1.30
C LYS A 147 -7.56 6.02 0.25
N ALA A 148 -6.96 4.84 0.11
CA ALA A 148 -5.90 4.66 -0.90
C ALA A 148 -5.71 3.18 -1.18
N ALA A 149 -5.23 2.89 -2.39
CA ALA A 149 -4.83 1.54 -2.78
C ALA A 149 -3.51 1.66 -3.51
N ILE A 150 -2.58 0.75 -3.19
CA ILE A 150 -1.28 0.72 -3.86
C ILE A 150 -0.95 -0.70 -4.33
N PRO A 151 -1.37 -1.04 -5.55
CA PRO A 151 -0.99 -2.32 -6.16
C PRO A 151 0.46 -2.29 -6.68
N LEU A 152 1.29 -3.18 -6.17
CA LEU A 152 2.70 -3.28 -6.51
C LEU A 152 2.92 -4.47 -7.43
N THR A 153 3.48 -4.18 -8.61
CA THR A 153 3.64 -5.17 -9.70
C THR A 153 2.45 -6.11 -9.74
N PRO A 154 1.25 -5.52 -9.87
CA PRO A 154 0.02 -6.28 -9.65
C PRO A 154 -0.27 -7.29 -10.73
N TRP A 155 -0.96 -8.36 -10.33
CA TRP A 155 -1.38 -9.43 -11.24
C TRP A 155 -2.87 -9.70 -11.01
N HIS A 156 -3.66 -9.77 -12.07
CA HIS A 156 -5.07 -10.12 -11.94
C HIS A 156 -5.56 -10.49 -13.35
N LEU A 157 -6.44 -11.48 -13.46
CA LEU A 157 -7.01 -11.88 -14.74
C LEU A 157 -8.00 -10.86 -15.26
N ASN A 158 -8.75 -10.21 -14.39
CA ASN A 158 -9.54 -9.04 -14.77
C ASN A 158 -8.71 -7.78 -14.97
N LYS A 159 -8.82 -7.17 -16.14
CA LYS A 159 -8.07 -5.95 -16.44
C LYS A 159 -8.89 -4.68 -16.22
N ASN A 160 -10.22 -4.82 -16.08
CA ASN A 160 -11.13 -3.69 -16.07
C ASN A 160 -11.44 -3.24 -14.66
N TRP A 161 -10.81 -2.15 -14.27
CA TRP A 161 -10.97 -1.59 -12.94
C TRP A 161 -11.66 -0.23 -13.00
N SER A 162 -12.55 -0.10 -13.99
CA SER A 162 -13.32 1.14 -14.14
C SER A 162 -14.27 1.39 -12.97
N SER A 163 -14.52 0.38 -12.15
CA SER A 163 -15.36 0.56 -10.98
C SER A 163 -14.63 1.17 -9.77
N VAL A 164 -13.30 1.25 -9.84
CA VAL A 164 -12.53 1.74 -8.70
C VAL A 164 -12.56 3.26 -8.58
N THR A 165 -12.86 3.76 -7.40
CA THR A 165 -12.88 5.20 -7.19
C THR A 165 -11.90 5.65 -6.10
N VAL A 166 -11.24 4.67 -5.47
CA VAL A 166 -10.25 4.92 -4.42
C VAL A 166 -8.96 5.43 -5.03
N PRO A 167 -8.33 6.46 -4.42
CA PRO A 167 -7.04 6.93 -4.96
C PRO A 167 -6.02 5.80 -5.09
N THR A 168 -5.60 5.53 -6.31
CA THR A 168 -4.82 4.35 -6.62
C THR A 168 -3.50 4.69 -7.30
N LEU A 169 -2.40 4.26 -6.68
CA LEU A 169 -1.06 4.32 -7.24
C LEU A 169 -0.63 2.92 -7.62
N ILE A 170 -0.44 2.68 -8.91
CA ILE A 170 0.07 1.41 -9.37
C ILE A 170 1.54 1.53 -9.65
N ILE A 171 2.33 0.59 -9.12
CA ILE A 171 3.75 0.58 -9.37
C ILE A 171 4.06 -0.66 -10.20
N GLY A 172 4.58 -0.43 -11.39
CA GLY A 172 4.96 -1.50 -12.30
C GLY A 172 6.46 -1.64 -12.36
N ALA A 173 6.93 -2.73 -12.95
CA ALA A 173 8.36 -3.02 -13.10
C ALA A 173 8.64 -3.31 -14.55
N ASP A 174 9.52 -2.53 -15.17
CA ASP A 174 9.75 -2.65 -16.61
C ASP A 174 10.13 -4.06 -17.07
N LEU A 175 10.95 -4.77 -16.30
CA LEU A 175 11.41 -6.11 -16.69
C LEU A 175 10.56 -7.24 -16.12
N ASP A 176 9.36 -6.94 -15.64
CA ASP A 176 8.48 -7.94 -15.09
C ASP A 176 8.04 -8.92 -16.18
N THR A 177 8.40 -10.18 -16.00
CA THR A 177 7.99 -11.23 -16.92
C THR A 177 6.87 -12.10 -16.36
N ILE A 178 6.45 -11.82 -15.12
CA ILE A 178 5.46 -12.63 -14.42
C ILE A 178 4.09 -11.94 -14.49
N ALA A 179 4.09 -10.64 -14.24
CA ALA A 179 2.90 -9.80 -14.42
C ALA A 179 3.29 -8.63 -15.32
N PRO A 180 3.50 -8.89 -16.61
CA PRO A 180 4.11 -7.87 -17.46
C PRO A 180 3.30 -6.57 -17.43
N VAL A 181 3.97 -5.44 -17.45
CA VAL A 181 3.26 -4.18 -17.39
C VAL A 181 2.31 -3.99 -18.59
N ALA A 182 2.64 -4.59 -19.72
CA ALA A 182 1.83 -4.45 -20.91
C ALA A 182 0.47 -5.15 -20.79
N THR A 183 0.42 -6.20 -19.97
CA THR A 183 -0.79 -7.03 -19.88
C THR A 183 -1.44 -7.01 -18.48
N HIS A 184 -0.78 -6.39 -17.51
CA HIS A 184 -1.35 -6.22 -16.18
C HIS A 184 -1.35 -4.74 -15.75
N ALA A 185 -0.24 -4.23 -15.22
CA ALA A 185 -0.23 -2.90 -14.64
C ALA A 185 -0.83 -1.82 -15.53
N LYS A 186 -0.41 -1.75 -16.80
CA LYS A 186 -0.87 -0.65 -17.64
C LYS A 186 -2.35 -0.79 -18.01
N PRO A 187 -2.79 -1.99 -18.38
CA PRO A 187 -4.24 -2.13 -18.57
C PRO A 187 -5.05 -1.72 -17.34
N PHE A 188 -4.56 -2.05 -16.16
CA PHE A 188 -5.28 -1.65 -14.95
C PHE A 188 -5.32 -0.12 -14.82
N TYR A 189 -4.17 0.52 -15.00
CA TYR A 189 -4.11 1.96 -14.82
C TYR A 189 -5.02 2.65 -15.81
N ASN A 190 -4.99 2.17 -17.04
CA ASN A 190 -5.78 2.81 -18.09
C ASN A 190 -7.29 2.57 -17.92
N SER A 191 -7.69 1.50 -17.26
CA SER A 191 -9.13 1.29 -17.08
C SER A 191 -9.68 1.96 -15.83
N LEU A 192 -8.81 2.31 -14.87
CA LEU A 192 -9.25 3.16 -13.79
C LEU A 192 -9.86 4.42 -14.38
N PRO A 193 -10.89 4.95 -13.73
CA PRO A 193 -11.50 6.16 -14.30
C PRO A 193 -10.52 7.32 -14.43
N SER A 194 -10.70 8.12 -15.47
CA SER A 194 -9.92 9.33 -15.64
CA SER A 194 -9.91 9.33 -15.64
C SER A 194 -10.25 10.34 -14.55
N SER A 195 -11.42 10.22 -13.96
CA SER A 195 -11.89 11.19 -13.00
C SER A 195 -11.37 11.02 -11.58
N ILE A 196 -10.68 9.93 -11.30
CA ILE A 196 -10.23 9.68 -9.94
C ILE A 196 -8.81 10.16 -9.74
N SER A 197 -8.37 10.19 -8.49
CA SER A 197 -6.95 10.37 -8.20
C SER A 197 -6.20 9.09 -8.49
N LYS A 198 -5.25 9.14 -9.41
CA LYS A 198 -4.48 7.93 -9.75
C LYS A 198 -3.13 8.29 -10.29
N ALA A 199 -2.23 7.32 -10.24
CA ALA A 199 -0.92 7.47 -10.78
C ALA A 199 -0.35 6.11 -11.12
N TYR A 200 0.55 6.13 -12.10
CA TYR A 200 1.26 4.94 -12.55
C TYR A 200 2.74 5.28 -12.49
N LEU A 201 3.49 4.51 -11.72
CA LEU A 201 4.93 4.69 -11.61
C LEU A 201 5.58 3.39 -12.06
N GLU A 202 6.38 3.45 -13.12
CA GLU A 202 7.07 2.25 -13.60
C GLU A 202 8.54 2.34 -13.21
N LEU A 203 9.00 1.33 -12.47
CA LEU A 203 10.39 1.23 -12.07
C LEU A 203 11.28 0.81 -13.23
N ASP A 204 12.47 1.42 -13.29
CA ASP A 204 13.50 1.11 -14.27
C ASP A 204 14.47 0.04 -13.75
N GLY A 205 14.78 -0.95 -14.57
CA GLY A 205 15.69 -2.01 -14.19
C GLY A 205 15.16 -2.82 -13.02
N ALA A 206 13.89 -3.16 -13.10
CA ALA A 206 13.22 -3.86 -12.00
C ALA A 206 12.53 -5.11 -12.46
N THR A 207 12.70 -6.19 -11.69
CA THR A 207 11.94 -7.41 -11.91
C THR A 207 10.63 -7.36 -11.14
N HIS A 208 9.85 -8.39 -11.38
CA HIS A 208 8.61 -8.62 -10.66
C HIS A 208 8.78 -8.59 -9.14
N PHE A 209 9.97 -8.92 -8.67
CA PHE A 209 10.20 -9.03 -7.23
C PHE A 209 10.80 -7.77 -6.60
N ALA A 210 10.86 -6.68 -7.36
CA ALA A 210 11.33 -5.41 -6.82
C ALA A 210 10.59 -5.03 -5.52
N PRO A 211 9.27 -5.24 -5.46
CA PRO A 211 8.58 -4.87 -4.22
C PRO A 211 8.98 -5.67 -2.98
N ASN A 212 9.68 -6.78 -3.17
CA ASN A 212 10.11 -7.62 -2.05
C ASN A 212 11.52 -7.29 -1.58
N ILE A 213 12.12 -6.31 -2.23
CA ILE A 213 13.50 -5.89 -1.97
C ILE A 213 13.51 -4.42 -1.57
N PRO A 214 14.09 -4.08 -0.39
CA PRO A 214 14.02 -2.69 0.05
C PRO A 214 14.41 -1.73 -1.07
N ASN A 215 13.58 -0.73 -1.31
CA ASN A 215 13.61 0.07 -2.53
C ASN A 215 13.19 1.50 -2.18
N LYS A 216 14.12 2.45 -2.35
CA LYS A 216 13.89 3.84 -1.94
C LYS A 216 12.77 4.49 -2.75
N ILE A 217 12.59 4.09 -4.01
CA ILE A 217 11.53 4.66 -4.83
C ILE A 217 10.17 4.14 -4.39
N ILE A 218 10.03 2.82 -4.23
CA ILE A 218 8.79 2.27 -3.72
C ILE A 218 8.47 2.90 -2.36
N GLY A 219 9.48 3.02 -1.50
CA GLY A 219 9.26 3.56 -0.18
C GLY A 219 8.79 5.01 -0.21
N LYS A 220 9.50 5.84 -0.97
CA LYS A 220 9.17 7.25 -1.04
C LYS A 220 7.76 7.49 -1.58
N TYR A 221 7.42 6.88 -2.71
CA TYR A 221 6.15 7.17 -3.37
C TYR A 221 4.98 6.49 -2.67
N SER A 222 5.20 5.32 -2.09
CA SER A 222 4.15 4.68 -1.29
CA SER A 222 4.14 4.69 -1.30
C SER A 222 3.80 5.57 -0.10
N VAL A 223 4.81 6.04 0.62
CA VAL A 223 4.54 6.88 1.78
C VAL A 223 3.89 8.19 1.35
N ALA A 224 4.38 8.82 0.29
CA ALA A 224 3.80 10.07 -0.15
C ALA A 224 2.32 9.90 -0.54
N TRP A 225 2.02 8.79 -1.22
CA TRP A 225 0.65 8.53 -1.61
C TRP A 225 -0.24 8.32 -0.38
N LEU A 226 0.21 7.48 0.54
CA LEU A 226 -0.58 7.24 1.75
C LEU A 226 -0.76 8.53 2.54
N LYS A 227 0.29 9.32 2.67
CA LYS A 227 0.15 10.61 3.33
C LYS A 227 -0.90 11.50 2.67
N ARG A 228 -0.79 11.68 1.35
CA ARG A 228 -1.70 12.57 0.66
C ARG A 228 -3.16 12.14 0.83
N PHE A 229 -3.41 10.83 0.76
CA PHE A 229 -4.79 10.37 0.65
C PHE A 229 -5.36 9.80 1.95
N VAL A 230 -4.55 9.07 2.71
CA VAL A 230 -5.03 8.55 4.00
C VAL A 230 -5.08 9.68 5.03
N ASP A 231 -4.11 10.59 4.99
CA ASP A 231 -4.05 11.70 5.94
C ASP A 231 -4.51 13.04 5.36
N ASN A 232 -4.96 13.05 4.10
CA ASN A 232 -5.27 14.32 3.40
C ASN A 232 -4.11 15.31 3.47
N ASP A 233 -2.89 14.82 3.53
CA ASP A 233 -1.74 15.67 3.90
C ASP A 233 -1.15 16.31 2.65
N THR A 234 -1.51 17.55 2.42
CA THR A 234 -1.08 18.20 1.21
C THR A 234 0.36 18.66 1.26
N ARG A 235 1.06 18.43 2.36
CA ARG A 235 2.49 18.62 2.39
C ARG A 235 3.18 17.61 1.46
N TYR A 236 2.48 16.55 1.07
CA TYR A 236 3.10 15.51 0.25
C TYR A 236 2.77 15.62 -1.25
N THR A 237 1.85 16.51 -1.61
CA THR A 237 1.52 16.73 -3.00
C THR A 237 2.77 17.04 -3.79
N GLN A 238 3.67 17.80 -3.20
CA GLN A 238 4.89 18.22 -3.90
C GLN A 238 5.69 17.06 -4.50
N PHE A 239 5.64 15.88 -3.87
CA PHE A 239 6.41 14.74 -4.35
C PHE A 239 5.68 14.00 -5.45
N LEU A 240 4.37 14.13 -5.45
CA LEU A 240 3.53 13.40 -6.39
C LEU A 240 3.22 14.17 -7.65
N CYS A 241 3.30 15.50 -7.58
CA CYS A 241 2.84 16.36 -8.67
C CYS A 241 3.80 17.52 -8.82
N PRO A 242 4.46 17.64 -9.99
CA PRO A 242 4.30 16.81 -11.20
C PRO A 242 4.81 15.36 -11.08
N GLY A 243 5.59 15.07 -10.04
CA GLY A 243 6.15 13.75 -9.85
C GLY A 243 7.33 13.49 -10.75
N PRO A 244 7.87 12.26 -10.74
CA PRO A 244 9.09 11.91 -11.48
C PRO A 244 8.83 11.59 -12.95
N ARG A 245 8.11 12.48 -13.62
CA ARG A 245 7.68 12.25 -14.99
C ARG A 245 8.76 12.66 -15.97
N LEU A 248 13.97 9.84 -15.27
CA LEU A 248 14.78 9.54 -14.09
C LEU A 248 15.44 8.17 -14.28
N PHE A 249 16.28 8.10 -15.31
CA PHE A 249 16.78 6.81 -15.75
C PHE A 249 17.62 6.16 -14.68
N GLY A 250 17.46 4.85 -14.54
CA GLY A 250 18.11 4.11 -13.46
C GLY A 250 17.16 3.93 -12.29
N GLU A 251 16.10 4.74 -12.25
CA GLU A 251 15.15 4.71 -11.14
C GLU A 251 13.70 4.53 -11.61
N VAL A 252 13.25 5.44 -12.45
CA VAL A 252 11.85 5.51 -12.87
C VAL A 252 11.75 5.58 -14.39
N GLU A 253 11.10 4.59 -14.99
CA GLU A 253 10.93 4.54 -16.44
C GLU A 253 9.84 5.48 -16.94
N GLU A 254 8.76 5.60 -16.17
CA GLU A 254 7.71 6.57 -16.49
C GLU A 254 6.84 6.85 -15.28
N TYR A 255 6.15 7.99 -15.33
CA TYR A 255 5.20 8.38 -14.30
C TYR A 255 4.02 9.08 -14.97
N ARG A 256 2.84 8.54 -14.78
CA ARG A 256 1.61 9.14 -15.26
C ARG A 256 0.74 9.48 -14.06
N SER A 257 -0.14 10.46 -14.17
CA SER A 257 -0.99 10.80 -13.05
C SER A 257 -2.20 11.61 -13.48
N THR A 258 -3.12 11.76 -12.54
CA THR A 258 -4.19 12.76 -12.67
C THR A 258 -3.97 13.92 -11.70
N CYS A 259 -2.71 14.26 -11.48
CA CYS A 259 -2.35 15.46 -10.70
C CYS A 259 -3.13 16.68 -11.19
N PRO A 260 -3.47 17.60 -10.28
CA PRO A 260 -2.97 17.71 -8.91
C PRO A 260 -3.87 17.15 -7.82
N PHE A 261 -4.92 16.44 -8.21
CA PHE A 261 -5.86 15.80 -7.29
C PHE A 261 -6.72 16.81 -6.48
N TYR A 262 -7.26 17.83 -7.14
CA TYR A 262 -8.24 18.76 -6.53
C TYR A 262 -7.78 19.31 -5.19
N PRO A 263 -6.67 20.06 -5.20
CA PRO A 263 -6.04 20.62 -3.99
C PRO A 263 -6.98 21.53 -3.20
#